data_1SP6
#
_entry.id   1SP6
#
loop_
_entity.id
_entity.type
_entity.pdbx_description
1 polymer "5'-D(*CP*CP*AP*CP*(HOL)P*GP*GP*AP*AP*C)-3'"
2 polymer "5'-D(GP*TP*TP*CP*CP*GP*GP*TP*GP*G)-3'"
#
loop_
_entity_poly.entity_id
_entity_poly.type
_entity_poly.pdbx_seq_one_letter_code
_entity_poly.pdbx_strand_id
1 'polydeoxyribonucleotide' (DC)(DC)(DA)(DC)(HOL)(DG)(DG)(DA)(DA)(DC) A
2 'polydeoxyribonucleotide' (DG)(DT)(DT)(DC)(DC)(DG)(DG)(DT)(DG)(DG) B
#